data_3FPL
#
_entry.id   3FPL
#
_cell.length_a   129.477
_cell.length_b   129.477
_cell.length_c   129.477
_cell.angle_alpha   90.00
_cell.angle_beta   90.00
_cell.angle_gamma   90.00
#
_symmetry.space_group_name_H-M   'I 2 3'
#
loop_
_entity.id
_entity.type
_entity.pdbx_description
1 polymer 'NADP-dependent alcohol dehydrogenase'
2 non-polymer 'ZINC ION'
3 non-polymer 'CHLORIDE ION'
4 non-polymer 1,2-ETHANEDIOL
5 non-polymer 'CACODYLATE ION'
6 non-polymer 'TRIETHYLENE GLYCOL'
7 water water
#
_entity_poly.entity_id   1
_entity_poly.type   'polypeptide(L)'
_entity_poly.pdbx_seq_one_letter_code
;MKGFAMLGINKLGWIEKERPVAGSYDAIVRPLAVSPCTSDIHTVFEGALGDRKNMILGHEAVGEVVEVGSEVKDFKPGDR
VIVPCTTPDWRSLEVQAGFQQHSNGMLAGWKFSNFKDGVFGEYFHVNDADMNLAILPKDMPLENAVMITDMMTTGFHGAE
LADIELGATVAVLGIGPVGLMAVAGAKLRGAGRIIAVGSRPVCVDAAKYYGATDIVNYKDGPIESQIMNLTEGKGVDAAI
IAGGNADIMATAVKIVKPGGTIANVNYFGEGEVLPVPRLEWGCGMAHKTIKGGLCPGGRLRAEMLRDMVVYNRVDLSKLV
THVYHGFDHIEEALLLMKDKPKDLIKAVVIL
;
_entity_poly.pdbx_strand_id   A
#
loop_
_chem_comp.id
_chem_comp.type
_chem_comp.name
_chem_comp.formula
CAC non-polymer 'CACODYLATE ION' 'C2 H6 As O2 -1'
CL non-polymer 'CHLORIDE ION' 'Cl -1'
EDO non-polymer 1,2-ETHANEDIOL 'C2 H6 O2'
PGE non-polymer 'TRIETHYLENE GLYCOL' 'C6 H14 O4'
ZN non-polymer 'ZINC ION' 'Zn 2'
#
# COMPACT_ATOMS: atom_id res chain seq x y z
N MET A 1 20.09 -18.38 -7.87
CA MET A 1 18.68 -18.27 -7.50
C MET A 1 17.89 -17.49 -8.58
N LYS A 2 16.68 -17.94 -8.90
CA LYS A 2 15.81 -17.27 -9.87
C LYS A 2 14.93 -16.16 -9.24
N GLY A 3 14.72 -15.06 -9.98
CA GLY A 3 13.76 -14.01 -9.62
C GLY A 3 13.24 -13.26 -10.83
N PHE A 4 12.07 -12.65 -10.69
CA PHE A 4 11.48 -11.85 -11.75
C PHE A 4 11.80 -10.39 -11.47
N ALA A 5 12.47 -9.75 -12.43
CA ALA A 5 13.15 -8.50 -12.17
C ALA A 5 12.83 -7.37 -13.13
N MET A 6 13.18 -6.19 -12.65
CA MET A 6 13.34 -4.99 -13.46
C MET A 6 14.76 -5.05 -13.97
N LEU A 7 14.89 -5.30 -15.27
CA LEU A 7 16.18 -5.28 -15.92
C LEU A 7 16.67 -3.83 -15.94
N GLY A 8 15.72 -2.94 -16.19
CA GLY A 8 15.94 -1.50 -16.18
C GLY A 8 14.59 -0.88 -16.56
N ILE A 9 14.55 0.43 -16.70
CA ILE A 9 13.24 1.08 -17.01
C ILE A 9 12.67 0.46 -18.30
N ASN A 10 11.38 0.12 -18.27
CA ASN A 10 10.61 -0.46 -19.37
C ASN A 10 10.93 -1.92 -19.71
N LYS A 11 11.76 -2.59 -18.91
CA LYS A 11 12.25 -3.92 -19.24
C LYS A 11 12.17 -4.91 -18.08
N LEU A 12 11.38 -5.95 -18.27
CA LEU A 12 11.17 -7.00 -17.27
C LEU A 12 11.80 -8.27 -17.75
N GLY A 13 12.29 -9.09 -16.83
CA GLY A 13 12.65 -10.44 -17.23
C GLY A 13 13.04 -11.24 -16.04
N TRP A 14 13.06 -12.56 -16.20
CA TRP A 14 13.64 -13.46 -15.22
C TRP A 14 15.16 -13.39 -15.26
N ILE A 15 15.78 -13.38 -14.08
CA ILE A 15 17.21 -13.32 -13.94
C ILE A 15 17.71 -14.33 -12.92
N GLU A 16 19.01 -14.45 -12.82
CA GLU A 16 19.63 -15.36 -11.86
C GLU A 16 20.57 -14.54 -11.01
N LYS A 17 20.46 -14.71 -9.70
CA LYS A 17 21.30 -14.00 -8.76
C LYS A 17 21.81 -14.97 -7.72
N GLU A 18 22.84 -14.57 -7.00
CA GLU A 18 23.26 -15.29 -5.79
C GLU A 18 22.16 -15.27 -4.72
N ARG A 19 21.96 -16.40 -4.06
CA ARG A 19 21.04 -16.42 -2.94
C ARG A 19 21.63 -15.56 -1.83
N PRO A 20 20.79 -14.68 -1.25
CA PRO A 20 21.32 -13.78 -0.24
C PRO A 20 21.62 -14.51 1.07
N VAL A 21 22.52 -13.94 1.85
CA VAL A 21 22.88 -14.51 3.15
C VAL A 21 22.49 -13.58 4.30
N ALA A 22 22.04 -14.16 5.40
CA ALA A 22 21.59 -13.40 6.57
C ALA A 22 22.78 -12.87 7.39
N GLY A 23 22.74 -11.60 7.76
CA GLY A 23 23.62 -11.08 8.81
C GLY A 23 23.13 -11.62 10.15
N SER A 24 23.85 -11.30 11.22
CA SER A 24 23.52 -11.80 12.55
C SER A 24 22.07 -11.57 12.95
N TYR A 25 21.50 -10.44 12.49
CA TYR A 25 20.13 -10.05 12.86
C TYR A 25 19.07 -10.29 11.79
N ASP A 26 19.45 -10.92 10.67
CA ASP A 26 18.55 -11.05 9.52
C ASP A 26 17.92 -12.44 9.40
N ALA A 27 16.94 -12.56 8.50
CA ALA A 27 16.42 -13.85 8.07
C ALA A 27 16.38 -13.94 6.56
N ILE A 28 16.56 -15.18 6.09
CA ILE A 28 16.27 -15.54 4.72
C ILE A 28 14.95 -16.27 4.75
N VAL A 29 14.09 -15.89 3.82
CA VAL A 29 12.71 -16.31 3.82
C VAL A 29 12.37 -16.81 2.44
N ARG A 30 11.63 -17.91 2.33
CA ARG A 30 11.17 -18.28 1.00
C ARG A 30 9.69 -17.99 0.88
N PRO A 31 9.29 -17.41 -0.24
CA PRO A 31 7.89 -17.00 -0.33
C PRO A 31 6.95 -18.18 -0.32
N LEU A 32 5.82 -18.03 0.38
CA LEU A 32 4.74 -18.98 0.27
C LEU A 32 3.57 -18.46 -0.60
N ALA A 33 3.34 -17.16 -0.54
CA ALA A 33 2.36 -16.50 -1.40
C ALA A 33 2.79 -15.06 -1.57
N VAL A 34 2.54 -14.52 -2.77
CA VAL A 34 2.97 -13.18 -3.18
C VAL A 34 1.93 -12.49 -4.04
N SER A 35 1.97 -11.15 -4.05
CA SER A 35 1.11 -10.38 -4.87
C SER A 35 1.89 -9.30 -5.58
N PRO A 36 1.50 -8.99 -6.83
CA PRO A 36 2.16 -7.84 -7.44
C PRO A 36 1.39 -6.56 -7.14
N CYS A 37 2.09 -5.43 -7.31
CA CYS A 37 1.60 -4.11 -6.96
C CYS A 37 1.76 -3.13 -8.12
N THR A 38 0.77 -2.25 -8.23
CA THR A 38 0.85 -1.16 -9.20
CA THR A 38 0.82 -1.14 -9.17
CA THR A 38 0.79 -1.11 -9.14
C THR A 38 2.06 -0.27 -8.98
N SER A 39 2.58 -0.20 -7.76
CA SER A 39 3.85 0.52 -7.52
C SER A 39 5.00 0.00 -8.39
N ASP A 40 5.09 -1.31 -8.57
CA ASP A 40 6.13 -1.84 -9.42
C ASP A 40 5.96 -1.42 -10.87
N ILE A 41 4.73 -1.14 -11.30
CA ILE A 41 4.48 -0.62 -12.67
C ILE A 41 4.97 0.82 -12.79
N HIS A 42 4.68 1.64 -11.79
CA HIS A 42 5.26 3.00 -11.73
C HIS A 42 6.79 2.93 -11.79
N THR A 43 7.35 2.02 -10.99
CA THR A 43 8.79 1.95 -10.85
C THR A 43 9.43 1.51 -12.16
N VAL A 44 8.90 0.45 -12.77
CA VAL A 44 9.49 -0.08 -14.00
C VAL A 44 9.17 0.76 -15.25
N PHE A 45 7.88 1.05 -15.41
CA PHE A 45 7.38 1.58 -16.69
C PHE A 45 7.28 3.10 -16.71
N GLU A 46 7.33 3.71 -15.54
CA GLU A 46 7.43 5.16 -15.50
C GLU A 46 8.77 5.67 -15.08
N GLY A 47 9.63 4.80 -14.54
CA GLY A 47 10.93 5.22 -14.01
C GLY A 47 10.77 6.19 -12.85
N ALA A 48 9.71 5.98 -12.09
CA ALA A 48 9.29 7.00 -11.10
C ALA A 48 10.22 7.15 -9.92
N LEU A 49 11.12 6.20 -9.68
CA LEU A 49 12.11 6.34 -8.65
C LEU A 49 13.53 6.23 -9.20
N GLY A 50 13.65 6.41 -10.51
CA GLY A 50 14.92 6.36 -11.22
C GLY A 50 15.23 4.99 -11.80
N ASP A 51 16.32 4.89 -12.54
CA ASP A 51 16.64 3.59 -13.17
C ASP A 51 17.19 2.60 -12.13
N ARG A 52 17.18 1.32 -12.50
CA ARG A 52 17.68 0.19 -11.70
C ARG A 52 18.34 -0.80 -12.64
N LYS A 53 19.20 -1.67 -12.10
CA LYS A 53 19.76 -2.76 -12.90
C LYS A 53 19.51 -4.06 -12.19
N ASN A 54 18.75 -4.94 -12.81
CA ASN A 54 18.55 -6.27 -12.24
C ASN A 54 18.05 -6.34 -10.80
N MET A 55 16.97 -5.60 -10.55
CA MET A 55 16.35 -5.57 -9.23
C MET A 55 15.14 -6.48 -9.29
N ILE A 56 15.15 -7.51 -8.45
CA ILE A 56 14.05 -8.41 -8.29
C ILE A 56 12.86 -7.63 -7.72
N LEU A 57 11.71 -7.84 -8.31
CA LEU A 57 10.55 -7.08 -7.96
C LEU A 57 9.72 -7.73 -6.86
N GLY A 58 8.64 -7.04 -6.47
CA GLY A 58 7.69 -7.52 -5.48
C GLY A 58 8.01 -7.13 -4.06
N HIS A 59 6.98 -6.77 -3.31
CA HIS A 59 7.13 -6.42 -1.88
C HIS A 59 5.93 -6.86 -1.03
N GLU A 60 5.19 -7.86 -1.51
CA GLU A 60 4.02 -8.38 -0.79
C GLU A 60 4.09 -9.88 -0.70
N ALA A 61 4.47 -10.37 0.47
CA ALA A 61 4.68 -11.77 0.67
C ALA A 61 4.35 -12.25 2.08
N VAL A 62 3.85 -13.48 2.12
CA VAL A 62 3.91 -14.34 3.30
CA VAL A 62 3.95 -14.30 3.30
C VAL A 62 4.94 -15.41 2.94
N GLY A 63 5.76 -15.80 3.91
CA GLY A 63 6.87 -16.72 3.67
C GLY A 63 7.15 -17.70 4.80
N GLU A 64 8.08 -18.59 4.53
CA GLU A 64 8.63 -19.48 5.54
C GLU A 64 10.07 -19.09 5.76
N VAL A 65 10.44 -18.93 7.03
CA VAL A 65 11.79 -18.62 7.41
C VAL A 65 12.61 -19.89 7.17
N VAL A 66 13.68 -19.74 6.38
CA VAL A 66 14.55 -20.87 6.09
C VAL A 66 15.86 -20.74 6.87
N GLU A 67 16.27 -19.52 7.19
CA GLU A 67 17.55 -19.33 7.83
C GLU A 67 17.52 -18.03 8.64
N VAL A 68 18.08 -18.04 9.84
CA VAL A 68 18.19 -16.82 10.66
C VAL A 68 19.61 -16.61 11.18
N GLY A 69 20.00 -15.36 11.36
CA GLY A 69 21.31 -15.06 11.94
C GLY A 69 21.42 -15.46 13.40
N SER A 70 22.64 -15.43 13.91
CA SER A 70 22.95 -15.88 15.27
C SER A 70 22.30 -15.07 16.39
N GLU A 71 21.96 -13.81 16.13
CA GLU A 71 21.34 -12.95 17.14
C GLU A 71 19.81 -12.88 17.06
N VAL A 72 19.21 -13.63 16.12
CA VAL A 72 17.75 -13.73 16.00
C VAL A 72 17.14 -14.70 17.04
N LYS A 73 16.22 -14.19 17.86
CA LYS A 73 15.68 -14.94 18.99
C LYS A 73 14.22 -15.34 18.83
N ASP A 74 13.42 -14.56 18.10
CA ASP A 74 11.96 -14.84 18.07
C ASP A 74 11.45 -15.54 16.83
N PHE A 75 12.31 -15.70 15.83
CA PHE A 75 11.92 -16.41 14.63
C PHE A 75 12.97 -17.46 14.39
N LYS A 76 12.55 -18.55 13.76
CA LYS A 76 13.42 -19.68 13.52
C LYS A 76 13.02 -20.38 12.22
N PRO A 77 13.94 -21.18 11.66
CA PRO A 77 13.59 -21.96 10.46
C PRO A 77 12.30 -22.70 10.64
N GLY A 78 11.46 -22.70 9.60
CA GLY A 78 10.11 -23.30 9.65
C GLY A 78 8.97 -22.35 10.03
N ASP A 79 9.27 -21.25 10.71
CA ASP A 79 8.21 -20.34 11.09
C ASP A 79 7.54 -19.75 9.83
N ARG A 80 6.22 -19.66 9.86
CA ARG A 80 5.48 -18.98 8.81
C ARG A 80 5.19 -17.53 9.21
N VAL A 81 5.51 -16.61 8.29
CA VAL A 81 5.61 -15.20 8.63
C VAL A 81 4.92 -14.30 7.63
N ILE A 82 4.31 -13.25 8.16
CA ILE A 82 3.79 -12.10 7.39
C ILE A 82 4.95 -11.08 7.30
N VAL A 83 5.31 -10.72 6.08
CA VAL A 83 6.42 -9.78 5.90
C VAL A 83 5.87 -8.43 5.51
N PRO A 84 5.97 -7.42 6.39
CA PRO A 84 5.50 -6.06 6.03
C PRO A 84 6.33 -5.51 4.89
N CYS A 85 5.73 -4.81 3.94
CA CYS A 85 6.48 -4.32 2.77
C CYS A 85 7.57 -3.31 3.17
N THR A 86 7.32 -2.63 4.28
CA THR A 86 8.27 -1.69 4.91
C THR A 86 8.97 -2.38 6.06
N THR A 87 10.29 -2.45 5.94
CA THR A 87 11.16 -3.15 6.90
C THR A 87 12.29 -2.21 7.34
N PRO A 88 11.97 -1.29 8.26
CA PRO A 88 12.94 -0.24 8.60
C PRO A 88 14.24 -0.73 9.24
N ASP A 89 15.26 0.10 9.13
CA ASP A 89 16.44 -0.05 9.97
C ASP A 89 16.10 0.65 11.27
N TRP A 90 15.89 -0.12 12.32
CA TRP A 90 15.40 0.42 13.59
C TRP A 90 16.48 1.21 14.31
N ARG A 91 17.73 0.87 14.03
CA ARG A 91 18.84 1.68 14.54
C ARG A 91 19.16 2.80 13.59
N SER A 92 18.30 3.81 13.58
CA SER A 92 18.55 4.99 12.76
C SER A 92 18.07 6.22 13.50
N LEU A 93 18.60 7.38 13.16
CA LEU A 93 18.11 8.64 13.80
C LEU A 93 16.71 9.01 13.36
N GLU A 94 16.33 8.66 12.13
CA GLU A 94 14.96 8.90 11.73
C GLU A 94 13.97 8.16 12.60
N VAL A 95 14.30 6.92 12.99
CA VAL A 95 13.47 6.21 13.94
C VAL A 95 13.39 6.98 15.27
N GLN A 96 14.50 7.49 15.77
CA GLN A 96 14.49 8.31 17.00
C GLN A 96 13.57 9.55 16.86
N ALA A 97 13.47 10.13 15.65
CA ALA A 97 12.56 11.28 15.35
C ALA A 97 11.10 10.88 15.07
N GLY A 98 10.81 9.59 15.03
CA GLY A 98 9.46 9.10 14.86
C GLY A 98 9.06 8.72 13.45
N PHE A 99 10.05 8.55 12.56
CA PHE A 99 9.80 8.29 11.15
C PHE A 99 10.53 7.04 10.65
N GLN A 100 10.04 5.89 11.11
CA GLN A 100 10.55 4.58 10.68
C GLN A 100 10.59 4.42 9.16
N GLN A 101 9.64 5.04 8.46
CA GLN A 101 9.50 4.84 7.01
C GLN A 101 10.68 5.40 6.22
N HIS A 102 11.43 6.30 6.87
CA HIS A 102 12.55 7.00 6.27
C HIS A 102 13.84 6.73 7.00
N SER A 103 13.95 5.54 7.59
CA SER A 103 15.14 5.14 8.26
C SER A 103 16.27 5.10 7.24
N ASN A 104 17.28 5.91 7.46
CA ASN A 104 18.49 6.04 6.60
C ASN A 104 18.24 6.67 5.22
N GLY A 105 17.14 7.37 5.10
CA GLY A 105 16.87 8.18 3.94
C GLY A 105 15.42 8.15 3.50
N MET A 106 15.08 9.12 2.68
CA MET A 106 13.69 9.23 2.16
C MET A 106 13.29 7.92 1.50
N LEU A 107 12.15 7.40 1.96
CA LEU A 107 11.49 6.13 1.56
C LEU A 107 12.30 4.87 1.91
N ALA A 108 13.42 5.03 2.58
CA ALA A 108 14.39 3.94 2.69
C ALA A 108 14.01 2.86 3.69
N GLY A 109 12.96 3.07 4.47
CA GLY A 109 12.32 1.96 5.20
C GLY A 109 11.59 0.97 4.32
N TRP A 110 11.12 1.42 3.14
CA TRP A 110 10.52 0.56 2.13
C TRP A 110 11.66 0.11 1.18
N LYS A 111 12.19 -1.10 1.39
CA LYS A 111 13.36 -1.58 0.65
C LYS A 111 12.97 -2.43 -0.56
N PHE A 112 12.18 -3.48 -0.31
CA PHE A 112 11.79 -4.48 -1.31
C PHE A 112 11.19 -3.80 -2.56
N SER A 113 11.88 -3.94 -3.67
CA SER A 113 11.49 -3.39 -4.99
C SER A 113 11.36 -1.86 -5.10
N ASN A 114 11.86 -1.18 -4.07
CA ASN A 114 12.28 0.21 -4.15
C ASN A 114 13.74 0.14 -4.64
N PHE A 115 14.65 -0.30 -3.78
CA PHE A 115 16.06 -0.53 -4.17
C PHE A 115 16.62 -1.91 -3.83
N LYS A 116 15.92 -2.71 -3.03
CA LYS A 116 16.47 -3.97 -2.53
C LYS A 116 15.76 -5.07 -3.32
N ASP A 117 16.48 -6.14 -3.67
CA ASP A 117 15.80 -7.28 -4.31
C ASP A 117 14.60 -7.68 -3.45
N GLY A 118 13.46 -7.79 -4.14
CA GLY A 118 12.16 -8.10 -3.54
C GLY A 118 11.81 -9.58 -3.39
N VAL A 119 10.52 -9.81 -3.24
CA VAL A 119 9.98 -11.11 -2.86
C VAL A 119 9.71 -12.03 -4.05
N PHE A 120 9.84 -11.55 -5.30
CA PHE A 120 9.64 -12.44 -6.46
C PHE A 120 10.91 -13.23 -6.81
N GLY A 121 11.47 -13.89 -5.82
CA GLY A 121 12.67 -14.69 -5.96
C GLY A 121 12.50 -15.96 -5.15
N GLU A 122 13.30 -16.97 -5.45
CA GLU A 122 13.24 -18.21 -4.71
C GLU A 122 13.40 -18.02 -3.23
N TYR A 123 14.22 -17.04 -2.85
CA TYR A 123 14.38 -16.59 -1.46
C TYR A 123 14.49 -15.07 -1.48
N PHE A 124 14.22 -14.45 -0.35
CA PHE A 124 14.58 -13.02 -0.14
C PHE A 124 15.09 -12.80 1.29
N HIS A 125 15.69 -11.65 1.50
CA HIS A 125 16.32 -11.29 2.75
C HIS A 125 15.48 -10.27 3.52
N VAL A 126 15.28 -10.53 4.80
CA VAL A 126 14.64 -9.58 5.70
C VAL A 126 15.67 -9.08 6.72
N ASN A 127 15.87 -7.76 6.71
CA ASN A 127 16.70 -7.15 7.72
C ASN A 127 16.02 -7.11 9.05
N ASP A 128 16.80 -7.37 10.08
CA ASP A 128 16.32 -7.39 11.44
C ASP A 128 14.99 -8.13 11.60
N ALA A 129 15.08 -9.45 11.47
CA ALA A 129 13.95 -10.36 11.61
C ALA A 129 13.11 -10.15 12.84
N ASP A 130 13.75 -10.01 14.03
CA ASP A 130 12.98 -9.91 15.26
C ASP A 130 12.12 -8.64 15.30
N MET A 131 12.52 -7.62 14.56
CA MET A 131 11.81 -6.35 14.58
C MET A 131 10.91 -6.13 13.38
N ASN A 132 11.04 -6.98 12.36
CA ASN A 132 10.38 -6.74 11.08
C ASN A 132 9.57 -7.91 10.56
N LEU A 133 9.32 -8.92 11.39
CA LEU A 133 8.44 -10.02 11.04
C LEU A 133 7.34 -10.25 12.05
N ALA A 134 6.23 -10.84 11.57
CA ALA A 134 5.13 -11.28 12.40
C ALA A 134 4.74 -12.71 12.03
N ILE A 135 4.39 -13.51 13.05
CA ILE A 135 3.89 -14.85 12.81
C ILE A 135 2.52 -14.88 12.11
N LEU A 136 2.44 -15.66 11.05
CA LEU A 136 1.18 -15.97 10.39
C LEU A 136 0.34 -16.96 11.19
N PRO A 137 -0.88 -16.57 11.56
CA PRO A 137 -1.78 -17.52 12.24
C PRO A 137 -2.04 -18.78 11.43
N LYS A 138 -2.16 -19.89 12.15
CA LYS A 138 -2.30 -21.23 11.58
C LYS A 138 -3.46 -21.36 10.60
N ASP A 139 -4.59 -20.77 10.95
CA ASP A 139 -5.76 -20.90 10.11
C ASP A 139 -6.02 -19.73 9.15
N MET A 140 -5.09 -18.76 9.06
CA MET A 140 -5.29 -17.58 8.22
C MET A 140 -4.95 -17.89 6.75
N PRO A 141 -5.94 -17.76 5.84
CA PRO A 141 -5.66 -17.98 4.44
C PRO A 141 -4.49 -17.12 3.94
N LEU A 142 -3.57 -17.75 3.22
CA LEU A 142 -2.38 -17.05 2.79
C LEU A 142 -2.73 -15.81 1.96
N GLU A 143 -3.70 -15.94 1.08
CA GLU A 143 -4.02 -14.83 0.21
C GLU A 143 -4.56 -13.61 0.97
N ASN A 144 -5.27 -13.83 2.07
CA ASN A 144 -5.76 -12.73 2.88
C ASN A 144 -4.58 -12.09 3.59
N ALA A 145 -3.72 -12.92 4.19
CA ALA A 145 -2.49 -12.47 4.86
C ALA A 145 -1.62 -11.56 4.00
N VAL A 146 -1.50 -11.91 2.73
CA VAL A 146 -0.66 -11.12 1.82
C VAL A 146 -1.20 -9.66 1.71
N MET A 147 -2.51 -9.50 1.85
CA MET A 147 -3.13 -8.16 1.76
C MET A 147 -2.75 -7.26 2.93
N ILE A 148 -2.29 -7.86 4.05
CA ILE A 148 -1.84 -7.09 5.21
C ILE A 148 -0.59 -6.30 4.88
N THR A 149 0.26 -6.87 4.03
CA THR A 149 1.64 -6.47 3.95
C THR A 149 1.80 -5.12 3.30
N ASP A 150 0.81 -4.68 2.54
CA ASP A 150 0.92 -3.42 1.81
C ASP A 150 -0.47 -2.73 1.68
N MET A 151 -1.45 -3.41 1.12
CA MET A 151 -2.74 -2.78 0.86
C MET A 151 -3.42 -2.30 2.13
N MET A 152 -3.47 -3.16 3.16
CA MET A 152 -4.11 -2.79 4.43
C MET A 152 -3.32 -1.68 5.10
N THR A 153 -2.00 -1.86 5.23
CA THR A 153 -1.20 -0.87 5.95
C THR A 153 -1.24 0.49 5.26
N THR A 154 -1.18 0.51 3.92
CA THR A 154 -1.15 1.78 3.17
C THR A 154 -2.50 2.47 3.21
N GLY A 155 -3.56 1.73 2.85
CA GLY A 155 -4.92 2.30 2.92
C GLY A 155 -5.28 2.81 4.32
N PHE A 156 -5.02 1.99 5.33
CA PHE A 156 -5.22 2.42 6.73
C PHE A 156 -4.37 3.68 7.08
N HIS A 157 -3.17 3.77 6.53
CA HIS A 157 -2.32 4.91 6.79
C HIS A 157 -2.94 6.17 6.20
N GLY A 158 -3.63 6.06 5.07
CA GLY A 158 -4.38 7.21 4.54
C GLY A 158 -5.45 7.72 5.50
N ALA A 159 -6.18 6.80 6.08
CA ALA A 159 -7.14 7.14 7.14
C ALA A 159 -6.46 7.73 8.40
N GLU A 160 -5.32 7.18 8.80
CA GLU A 160 -4.55 7.74 9.93
C GLU A 160 -4.08 9.17 9.67
N LEU A 161 -3.48 9.38 8.50
CA LEU A 161 -3.03 10.72 8.11
C LEU A 161 -4.16 11.75 8.03
N ALA A 162 -5.36 11.29 7.73
CA ALA A 162 -6.51 12.16 7.51
C ALA A 162 -6.97 12.84 8.83
N ASP A 163 -6.55 12.27 9.96
N ASP A 163 -6.53 12.37 9.99
CA ASP A 163 -6.81 12.77 11.30
CA ASP A 163 -6.88 12.99 11.27
C ASP A 163 -8.30 13.07 11.45
C ASP A 163 -8.40 13.13 11.37
N ILE A 164 -9.09 12.02 11.21
CA ILE A 164 -10.59 11.98 11.16
C ILE A 164 -11.13 12.15 12.60
N GLU A 165 -12.10 13.06 12.82
CA GLU A 165 -12.91 13.09 14.07
C GLU A 165 -14.09 12.10 13.94
N LEU A 166 -14.58 11.58 15.06
CA LEU A 166 -15.74 10.70 14.98
C LEU A 166 -16.91 11.43 14.30
N GLY A 167 -17.47 10.83 13.24
CA GLY A 167 -18.55 11.42 12.53
C GLY A 167 -18.18 12.31 11.35
N ALA A 168 -16.88 12.45 11.08
CA ALA A 168 -16.41 13.22 9.93
C ALA A 168 -16.88 12.62 8.60
N THR A 169 -16.98 13.51 7.63
CA THR A 169 -17.27 13.18 6.23
C THR A 169 -15.96 13.07 5.48
N VAL A 170 -15.72 11.92 4.85
CA VAL A 170 -14.46 11.64 4.18
C VAL A 170 -14.71 11.31 2.74
N ALA A 171 -13.88 11.87 1.85
CA ALA A 171 -13.84 11.47 0.44
C ALA A 171 -12.61 10.60 0.20
N VAL A 172 -12.81 9.53 -0.56
CA VAL A 172 -11.67 8.71 -0.96
C VAL A 172 -11.54 8.79 -2.47
N LEU A 173 -10.40 9.32 -2.94
CA LEU A 173 -10.18 9.57 -4.38
C LEU A 173 -9.38 8.45 -4.95
N GLY A 174 -10.08 7.54 -5.64
CA GLY A 174 -9.52 6.29 -6.13
C GLY A 174 -9.88 5.07 -5.27
N ILE A 175 -10.45 4.06 -5.90
CA ILE A 175 -10.87 2.86 -5.21
C ILE A 175 -10.27 1.60 -5.82
N GLY A 176 -9.01 1.70 -6.23
CA GLY A 176 -8.19 0.52 -6.34
C GLY A 176 -8.00 -0.06 -4.95
N PRO A 177 -7.23 -1.15 -4.83
CA PRO A 177 -7.14 -1.80 -3.50
C PRO A 177 -6.66 -0.89 -2.37
N VAL A 178 -5.77 0.05 -2.66
CA VAL A 178 -5.35 0.97 -1.60
C VAL A 178 -6.51 1.84 -1.14
N GLY A 179 -7.24 2.42 -2.09
CA GLY A 179 -8.43 3.24 -1.76
C GLY A 179 -9.52 2.43 -1.05
N LEU A 180 -9.70 1.17 -1.41
CA LEU A 180 -10.65 0.31 -0.75
C LEU A 180 -10.28 0.16 0.73
N MET A 181 -8.99 0.00 0.98
CA MET A 181 -8.52 -0.10 2.36
C MET A 181 -8.60 1.24 3.10
N ALA A 182 -8.52 2.35 2.35
CA ALA A 182 -8.76 3.69 2.89
C ALA A 182 -10.20 3.88 3.31
N VAL A 183 -11.13 3.35 2.50
CA VAL A 183 -12.54 3.32 2.85
C VAL A 183 -12.78 2.57 4.20
N ALA A 184 -12.28 1.35 4.27
CA ALA A 184 -12.39 0.56 5.47
C ALA A 184 -11.70 1.24 6.64
N GLY A 185 -10.54 1.84 6.38
CA GLY A 185 -9.82 2.53 7.46
C GLY A 185 -10.57 3.74 7.94
N ALA A 186 -11.14 4.51 7.02
CA ALA A 186 -11.98 5.67 7.43
C ALA A 186 -13.13 5.24 8.32
N LYS A 187 -13.80 4.16 7.93
CA LYS A 187 -14.87 3.57 8.76
CA LYS A 187 -14.87 3.63 8.77
C LYS A 187 -14.34 3.21 10.14
N LEU A 188 -13.15 2.61 10.18
CA LEU A 188 -12.55 2.24 11.45
C LEU A 188 -11.85 3.39 12.14
N ARG A 189 -12.05 4.62 11.68
CA ARG A 189 -11.71 5.79 12.44
CA ARG A 189 -11.70 5.79 12.44
C ARG A 189 -12.96 6.57 12.80
N GLY A 190 -14.10 5.96 12.54
CA GLY A 190 -15.40 6.54 12.91
C GLY A 190 -16.02 7.50 11.92
N ALA A 191 -15.58 7.48 10.65
CA ALA A 191 -16.22 8.31 9.66
C ALA A 191 -17.71 8.02 9.62
N GLY A 192 -18.49 9.08 9.42
CA GLY A 192 -19.91 8.95 9.04
C GLY A 192 -20.02 8.73 7.54
N ARG A 193 -20.31 9.80 6.80
CA ARG A 193 -20.44 9.71 5.36
C ARG A 193 -19.06 9.45 4.71
N ILE A 194 -19.00 8.45 3.83
CA ILE A 194 -17.77 8.19 3.08
C ILE A 194 -18.09 8.18 1.61
N ILE A 195 -17.52 9.14 0.90
CA ILE A 195 -17.80 9.36 -0.51
C ILE A 195 -16.59 8.75 -1.27
N ALA A 196 -16.82 7.66 -2.00
CA ALA A 196 -15.78 6.96 -2.76
C ALA A 196 -15.90 7.40 -4.21
N VAL A 197 -14.78 7.76 -4.80
CA VAL A 197 -14.73 8.21 -6.19
C VAL A 197 -14.08 7.15 -7.05
N GLY A 198 -14.88 6.56 -7.92
CA GLY A 198 -14.39 5.58 -8.88
C GLY A 198 -15.54 4.98 -9.67
N SER A 199 -15.17 4.26 -10.73
CA SER A 199 -16.18 3.82 -11.71
C SER A 199 -16.15 2.34 -12.12
N ARG A 200 -15.09 1.61 -11.80
CA ARG A 200 -15.05 0.19 -12.12
C ARG A 200 -16.04 -0.58 -11.24
N PRO A 201 -17.03 -1.26 -11.85
CA PRO A 201 -18.01 -1.95 -11.03
C PRO A 201 -17.45 -2.89 -9.92
N VAL A 202 -16.40 -3.69 -10.17
CA VAL A 202 -15.89 -4.59 -9.11
C VAL A 202 -15.42 -3.77 -7.91
N CYS A 203 -14.82 -2.63 -8.20
CA CYS A 203 -14.28 -1.77 -7.14
C CYS A 203 -15.41 -1.08 -6.38
N VAL A 204 -16.42 -0.62 -7.11
CA VAL A 204 -17.57 -0.02 -6.50
C VAL A 204 -18.25 -0.96 -5.53
N ASP A 205 -18.50 -2.22 -5.95
CA ASP A 205 -19.08 -3.21 -5.04
C ASP A 205 -18.25 -3.35 -3.78
N ALA A 206 -16.93 -3.41 -3.91
CA ALA A 206 -16.02 -3.55 -2.75
C ALA A 206 -16.05 -2.30 -1.89
N ALA A 207 -16.13 -1.14 -2.53
CA ALA A 207 -16.16 0.11 -1.78
C ALA A 207 -17.40 0.19 -0.86
N LYS A 208 -18.54 -0.15 -1.42
CA LYS A 208 -19.79 -0.25 -0.67
C LYS A 208 -19.66 -1.28 0.48
N TYR A 209 -19.06 -2.42 0.20
CA TYR A 209 -18.84 -3.43 1.23
C TYR A 209 -18.05 -2.86 2.40
N TYR A 210 -17.02 -2.10 2.08
CA TYR A 210 -16.06 -1.63 3.08
C TYR A 210 -16.54 -0.40 3.82
N GLY A 211 -17.66 0.23 3.37
CA GLY A 211 -18.25 1.30 4.12
C GLY A 211 -18.63 2.57 3.35
N ALA A 212 -18.35 2.63 2.06
CA ALA A 212 -18.75 3.80 1.25
C ALA A 212 -20.27 4.02 1.25
N THR A 213 -20.69 5.25 1.58
CA THR A 213 -22.09 5.61 1.60
C THR A 213 -22.55 6.26 0.31
N ASP A 214 -21.58 6.74 -0.44
CA ASP A 214 -21.86 7.44 -1.70
C ASP A 214 -20.77 7.05 -2.69
N ILE A 215 -21.18 6.90 -3.94
CA ILE A 215 -20.24 6.62 -5.02
C ILE A 215 -20.34 7.74 -6.06
N VAL A 216 -19.15 8.24 -6.46
CA VAL A 216 -19.06 9.29 -7.47
C VAL A 216 -18.37 8.78 -8.70
N ASN A 217 -19.12 8.78 -9.81
CA ASN A 217 -18.62 8.38 -11.12
C ASN A 217 -18.27 9.66 -11.93
N TYR A 218 -17.00 9.81 -12.30
CA TYR A 218 -16.55 11.00 -13.05
C TYR A 218 -17.26 11.11 -14.40
N LYS A 219 -17.83 10.00 -14.89
CA LYS A 219 -18.52 10.06 -16.17
C LYS A 219 -19.83 10.84 -16.06
N ASP A 220 -20.31 11.11 -14.84
CA ASP A 220 -21.49 11.94 -14.66
C ASP A 220 -21.15 13.45 -14.65
N GLY A 221 -19.86 13.76 -14.69
CA GLY A 221 -19.38 15.13 -14.68
C GLY A 221 -18.31 15.44 -13.64
N PRO A 222 -17.86 16.69 -13.58
CA PRO A 222 -16.77 17.04 -12.73
C PRO A 222 -16.97 16.57 -11.32
N ILE A 223 -15.93 15.94 -10.79
CA ILE A 223 -15.95 15.41 -9.45
C ILE A 223 -16.09 16.48 -8.36
N GLU A 224 -15.43 17.61 -8.54
CA GLU A 224 -15.47 18.67 -7.57
C GLU A 224 -16.92 19.09 -7.35
N SER A 225 -17.58 19.44 -8.43
CA SER A 225 -18.95 19.91 -8.36
C SER A 225 -19.88 18.82 -7.81
N GLN A 226 -19.62 17.56 -8.16
CA GLN A 226 -20.47 16.49 -7.64
C GLN A 226 -20.37 16.43 -6.11
N ILE A 227 -19.15 16.50 -5.60
CA ILE A 227 -18.90 16.35 -4.16
C ILE A 227 -19.42 17.55 -3.38
N MET A 228 -19.20 18.73 -3.94
CA MET A 228 -19.70 19.94 -3.33
C MET A 228 -21.21 19.86 -3.26
N ASN A 229 -21.84 19.34 -4.33
CA ASN A 229 -23.30 19.18 -4.32
C ASN A 229 -23.78 18.16 -3.30
N LEU A 230 -23.08 17.03 -3.16
CA LEU A 230 -23.46 16.04 -2.17
C LEU A 230 -23.41 16.60 -0.74
N THR A 231 -22.46 17.46 -0.47
CA THR A 231 -22.25 17.93 0.86
C THR A 231 -22.88 19.29 1.08
N GLU A 232 -23.74 19.67 0.14
CA GLU A 232 -24.46 20.89 0.24
C GLU A 232 -23.54 22.08 0.44
N GLY A 233 -22.50 22.13 -0.37
CA GLY A 233 -21.52 23.22 -0.39
C GLY A 233 -20.55 23.27 0.78
N LYS A 234 -20.63 22.33 1.70
CA LYS A 234 -19.76 22.34 2.87
C LYS A 234 -18.37 21.75 2.56
N GLY A 235 -18.26 20.87 1.55
CA GLY A 235 -17.02 20.11 1.35
C GLY A 235 -16.90 18.98 2.34
N VAL A 236 -15.76 18.32 2.35
CA VAL A 236 -15.54 17.17 3.20
C VAL A 236 -14.53 17.54 4.28
N ASP A 237 -14.60 16.81 5.39
CA ASP A 237 -13.60 16.98 6.46
C ASP A 237 -12.18 16.53 6.06
N ALA A 238 -12.12 15.49 5.23
CA ALA A 238 -10.84 14.95 4.78
C ALA A 238 -11.00 14.25 3.44
N ALA A 239 -9.99 14.40 2.61
CA ALA A 239 -9.90 13.71 1.37
C ALA A 239 -8.62 12.84 1.35
N ILE A 240 -8.79 11.55 1.12
CA ILE A 240 -7.69 10.60 1.05
C ILE A 240 -7.43 10.34 -0.44
N ILE A 241 -6.21 10.58 -0.84
CA ILE A 241 -5.81 10.37 -2.24
C ILE A 241 -5.17 9.00 -2.30
N ALA A 242 -5.81 8.11 -3.05
CA ALA A 242 -5.36 6.72 -3.21
C ALA A 242 -5.15 6.37 -4.67
N GLY A 243 -5.20 7.37 -5.52
CA GLY A 243 -4.89 7.18 -6.93
C GLY A 243 -5.15 8.44 -7.71
N GLY A 244 -4.79 8.39 -8.99
CA GLY A 244 -4.95 9.52 -9.88
C GLY A 244 -3.65 10.05 -10.38
N ASN A 245 -3.77 10.98 -11.33
CA ASN A 245 -2.64 11.74 -11.81
C ASN A 245 -2.39 12.99 -10.93
N ALA A 246 -1.43 13.79 -11.33
CA ALA A 246 -0.94 14.93 -10.55
C ALA A 246 -2.05 15.89 -10.15
N ASP A 247 -2.96 16.14 -11.09
CA ASP A 247 -4.14 17.05 -10.94
C ASP A 247 -5.09 16.74 -9.76
N ILE A 248 -5.06 15.50 -9.29
CA ILE A 248 -5.91 15.08 -8.21
C ILE A 248 -5.56 15.82 -6.91
N MET A 249 -4.33 16.28 -6.75
CA MET A 249 -3.98 17.13 -5.61
C MET A 249 -4.90 18.35 -5.56
N ALA A 250 -5.10 19.00 -6.70
CA ALA A 250 -5.89 20.20 -6.80
C ALA A 250 -7.38 19.89 -6.54
N THR A 251 -7.88 18.82 -7.12
CA THR A 251 -9.21 18.34 -6.79
C THR A 251 -9.42 18.13 -5.25
N ALA A 252 -8.46 17.46 -4.63
CA ALA A 252 -8.54 17.16 -3.19
C ALA A 252 -8.61 18.46 -2.41
N VAL A 253 -7.74 19.42 -2.75
CA VAL A 253 -7.78 20.74 -2.07
C VAL A 253 -9.14 21.50 -2.21
N LYS A 254 -9.74 21.41 -3.38
CA LYS A 254 -10.94 22.13 -3.71
C LYS A 254 -12.19 21.53 -3.01
N ILE A 255 -12.17 20.23 -2.71
CA ILE A 255 -13.29 19.57 -2.01
C ILE A 255 -13.18 19.54 -0.48
N VAL A 256 -11.97 19.77 0.07
CA VAL A 256 -11.79 19.77 1.52
C VAL A 256 -12.20 21.13 2.08
N LYS A 257 -12.94 21.13 3.18
CA LYS A 257 -13.32 22.38 3.82
C LYS A 257 -12.11 23.01 4.57
N PRO A 258 -12.19 24.31 4.87
CA PRO A 258 -11.15 24.96 5.67
C PRO A 258 -10.96 24.21 6.98
N GLY A 259 -9.72 24.01 7.36
CA GLY A 259 -9.39 23.24 8.58
C GLY A 259 -9.30 21.75 8.34
N GLY A 260 -9.63 21.29 7.15
CA GLY A 260 -9.61 19.88 6.85
C GLY A 260 -8.24 19.36 6.43
N THR A 261 -8.20 18.06 6.09
CA THR A 261 -6.94 17.40 5.76
C THR A 261 -7.01 16.71 4.40
N ILE A 262 -5.97 16.96 3.60
CA ILE A 262 -5.74 16.17 2.40
C ILE A 262 -4.68 15.15 2.76
N ALA A 263 -5.04 13.87 2.69
CA ALA A 263 -4.13 12.81 3.10
C ALA A 263 -3.76 11.90 1.92
N ASN A 264 -2.55 12.08 1.39
CA ASN A 264 -2.11 11.30 0.25
C ASN A 264 -1.38 10.03 0.66
N VAL A 265 -1.78 8.95 0.04
CA VAL A 265 -1.01 7.73 0.07
C VAL A 265 -0.68 7.16 -1.33
N ASN A 266 -1.06 7.87 -2.35
CA ASN A 266 -0.76 7.53 -3.73
C ASN A 266 0.71 7.72 -4.06
N TYR A 267 1.25 6.76 -4.79
CA TYR A 267 2.61 6.82 -5.32
C TYR A 267 2.47 7.43 -6.72
N PHE A 268 2.86 8.70 -6.85
CA PHE A 268 2.81 9.42 -8.10
C PHE A 268 4.04 9.11 -8.93
N GLY A 269 3.78 8.69 -10.16
CA GLY A 269 4.82 8.37 -11.09
C GLY A 269 5.00 9.33 -12.25
N GLU A 270 4.02 10.20 -12.46
CA GLU A 270 3.98 11.05 -13.65
C GLU A 270 3.66 12.48 -13.26
N GLY A 271 4.37 13.41 -13.88
CA GLY A 271 4.22 14.81 -13.56
C GLY A 271 5.29 15.19 -12.56
N GLU A 272 6.01 16.27 -12.83
CA GLU A 272 7.06 16.70 -11.92
C GLU A 272 6.61 17.70 -10.85
N VAL A 273 5.35 18.14 -10.95
CA VAL A 273 4.77 19.08 -10.02
C VAL A 273 3.36 18.61 -9.70
N LEU A 274 2.98 18.65 -8.43
CA LEU A 274 1.62 18.40 -7.99
C LEU A 274 1.06 19.77 -7.62
N PRO A 275 0.01 20.20 -8.32
CA PRO A 275 -0.52 21.56 -8.16
C PRO A 275 -1.37 21.74 -6.93
N VAL A 276 -1.05 22.79 -6.17
CA VAL A 276 -1.93 23.26 -5.11
C VAL A 276 -2.55 24.58 -5.54
N PRO A 277 -3.87 24.61 -5.68
CA PRO A 277 -4.51 25.81 -6.20
C PRO A 277 -4.51 26.94 -5.20
N ARG A 278 -4.16 28.14 -5.66
CA ARG A 278 -4.01 29.29 -4.75
C ARG A 278 -5.31 29.67 -4.04
N LEU A 279 -6.36 29.98 -4.79
CA LEU A 279 -7.60 30.47 -4.18
C LEU A 279 -8.24 29.46 -3.27
N GLU A 280 -8.34 28.20 -3.72
CA GLU A 280 -8.96 27.16 -2.88
C GLU A 280 -8.08 26.66 -1.72
N TRP A 281 -6.80 27.07 -1.70
CA TRP A 281 -5.97 26.83 -0.53
C TRP A 281 -5.94 28.10 0.36
N GLY A 282 -6.93 28.98 0.18
CA GLY A 282 -7.09 30.24 0.95
C GLY A 282 -5.92 31.17 0.79
N CYS A 283 -5.36 31.18 -0.42
CA CYS A 283 -4.16 31.92 -0.73
C CYS A 283 -3.03 31.63 0.29
N GLY A 284 -3.01 30.41 0.82
CA GLY A 284 -1.99 29.97 1.72
C GLY A 284 -2.47 29.83 3.16
N MET A 285 -3.75 30.14 3.42
CA MET A 285 -4.25 30.42 4.76
C MET A 285 -5.48 29.68 5.20
N ALA A 286 -5.91 28.70 4.40
CA ALA A 286 -7.13 27.95 4.65
C ALA A 286 -7.06 26.79 5.70
N HIS A 287 -5.90 26.56 6.32
CA HIS A 287 -5.66 25.46 7.22
C HIS A 287 -6.09 24.12 6.60
N LYS A 288 -5.88 23.98 5.29
CA LYS A 288 -6.07 22.70 4.61
C LYS A 288 -4.69 22.00 4.59
N THR A 289 -4.48 21.11 5.56
CA THR A 289 -3.21 20.44 5.76
C THR A 289 -3.05 19.34 4.71
N ILE A 290 -1.89 19.33 4.05
CA ILE A 290 -1.60 18.34 3.02
C ILE A 290 -0.53 17.39 3.53
N LYS A 291 -0.88 16.09 3.63
CA LYS A 291 0.01 15.04 4.06
C LYS A 291 0.24 14.05 2.94
N GLY A 292 1.35 13.32 3.03
CA GLY A 292 1.69 12.35 1.99
C GLY A 292 2.71 11.42 2.53
N GLY A 293 2.31 10.18 2.78
CA GLY A 293 3.13 9.26 3.56
C GLY A 293 3.19 7.84 3.08
N LEU A 294 4.42 7.32 3.03
CA LEU A 294 4.72 5.89 2.89
C LEU A 294 4.13 5.09 4.06
N CYS A 295 3.61 3.89 3.78
CA CYS A 295 2.98 3.06 4.83
C CYS A 295 3.98 2.62 5.87
N PRO A 296 3.57 2.64 7.13
CA PRO A 296 4.43 2.03 8.15
C PRO A 296 4.56 0.51 8.00
N GLY A 297 5.69 -0.01 8.48
CA GLY A 297 5.91 -1.46 8.53
C GLY A 297 6.53 -1.82 9.88
N GLY A 298 7.37 -2.85 9.88
CA GLY A 298 7.85 -3.40 11.15
C GLY A 298 6.89 -4.39 11.77
N ARG A 299 7.44 -5.16 12.72
CA ARG A 299 6.73 -6.21 13.43
C ARG A 299 5.52 -5.70 14.19
N LEU A 300 5.64 -4.57 14.88
CA LEU A 300 4.49 -4.07 15.68
C LEU A 300 3.27 -3.77 14.79
N ARG A 301 3.49 -3.01 13.73
CA ARG A 301 2.47 -2.75 12.73
C ARG A 301 1.89 -4.02 12.15
N ALA A 302 2.76 -4.93 11.71
CA ALA A 302 2.28 -6.19 11.17
C ALA A 302 1.41 -6.95 12.19
N GLU A 303 1.82 -6.99 13.46
CA GLU A 303 1.05 -7.80 14.44
C GLU A 303 -0.30 -7.16 14.73
N MET A 304 -0.32 -5.83 14.83
CA MET A 304 -1.52 -5.09 15.18
C MET A 304 -2.54 -5.20 14.06
N LEU A 305 -2.09 -5.07 12.83
CA LEU A 305 -2.97 -5.30 11.68
C LEU A 305 -3.46 -6.75 11.56
N ARG A 306 -2.55 -7.70 11.69
CA ARG A 306 -2.89 -9.12 11.75
C ARG A 306 -3.99 -9.37 12.78
N ASP A 307 -3.84 -8.79 13.97
CA ASP A 307 -4.79 -9.02 15.01
C ASP A 307 -6.14 -8.35 14.71
N MET A 308 -6.15 -7.24 14.01
CA MET A 308 -7.40 -6.65 13.52
C MET A 308 -8.13 -7.64 12.61
N VAL A 309 -7.36 -8.35 11.78
CA VAL A 309 -7.95 -9.37 10.91
C VAL A 309 -8.44 -10.56 11.71
N VAL A 310 -7.63 -11.04 12.66
CA VAL A 310 -8.07 -12.13 13.54
C VAL A 310 -9.39 -11.81 14.24
N TYR A 311 -9.54 -10.57 14.69
CA TYR A 311 -10.77 -10.13 15.41
C TYR A 311 -11.86 -9.58 14.51
N ASN A 312 -11.75 -9.87 13.21
CA ASN A 312 -12.80 -9.58 12.24
C ASN A 312 -13.16 -8.11 12.10
N ARG A 313 -12.17 -7.24 12.25
CA ARG A 313 -12.36 -5.81 12.08
C ARG A 313 -12.44 -5.42 10.62
N VAL A 314 -11.76 -6.18 9.77
CA VAL A 314 -11.85 -6.00 8.31
C VAL A 314 -11.71 -7.37 7.65
N ASP A 315 -12.39 -7.56 6.54
CA ASP A 315 -12.31 -8.79 5.77
C ASP A 315 -11.50 -8.49 4.52
N LEU A 316 -10.30 -9.05 4.45
CA LEU A 316 -9.39 -8.78 3.32
C LEU A 316 -9.67 -9.62 2.09
N SER A 317 -10.49 -10.65 2.25
CA SER A 317 -10.75 -11.60 1.18
C SER A 317 -11.34 -10.95 -0.04
N LYS A 318 -12.08 -9.87 0.15
CA LYS A 318 -12.72 -9.16 -0.97
C LYS A 318 -11.73 -8.55 -1.95
N LEU A 319 -10.53 -8.27 -1.50
CA LEU A 319 -9.51 -7.72 -2.38
C LEU A 319 -8.95 -8.73 -3.41
N VAL A 320 -9.05 -10.02 -3.10
CA VAL A 320 -8.36 -11.05 -3.87
C VAL A 320 -9.29 -11.59 -4.95
N THR A 321 -9.04 -11.21 -6.20
CA THR A 321 -9.92 -11.54 -7.31
C THR A 321 -9.32 -12.64 -8.21
N HIS A 322 -8.01 -12.84 -8.13
CA HIS A 322 -7.29 -13.77 -9.00
C HIS A 322 -6.28 -14.55 -8.15
N VAL A 323 -6.25 -15.87 -8.26
CA VAL A 323 -5.24 -16.67 -7.59
C VAL A 323 -4.60 -17.62 -8.63
N TYR A 324 -3.27 -17.70 -8.61
CA TYR A 324 -2.47 -18.59 -9.47
C TYR A 324 -1.68 -19.52 -8.59
N HIS A 325 -1.23 -20.64 -9.16
CA HIS A 325 -0.41 -21.60 -8.43
C HIS A 325 0.94 -21.88 -9.07
N GLY A 326 2.01 -21.57 -8.35
CA GLY A 326 3.35 -21.80 -8.86
C GLY A 326 4.12 -20.53 -9.17
N PHE A 327 5.40 -20.59 -8.81
CA PHE A 327 6.35 -19.49 -8.94
C PHE A 327 6.33 -18.83 -10.30
N ASP A 328 6.25 -19.63 -11.36
CA ASP A 328 6.33 -19.08 -12.70
C ASP A 328 5.19 -18.07 -13.07
N HIS A 329 4.06 -18.16 -12.39
CA HIS A 329 2.91 -17.29 -12.68
C HIS A 329 3.09 -15.88 -12.14
N ILE A 330 4.15 -15.67 -11.38
CA ILE A 330 4.51 -14.27 -10.98
C ILE A 330 4.53 -13.33 -12.19
N GLU A 331 5.10 -13.79 -13.29
CA GLU A 331 5.22 -12.96 -14.49
C GLU A 331 3.86 -12.52 -14.98
N GLU A 332 3.00 -13.51 -15.26
CA GLU A 332 1.62 -13.25 -15.70
C GLU A 332 0.86 -12.30 -14.73
N ALA A 333 1.03 -12.56 -13.45
CA ALA A 333 0.40 -11.77 -12.38
C ALA A 333 0.81 -10.30 -12.44
N LEU A 334 2.12 -10.02 -12.56
CA LEU A 334 2.57 -8.63 -12.62
C LEU A 334 2.04 -7.90 -13.84
N LEU A 335 2.02 -8.59 -14.97
CA LEU A 335 1.53 -7.99 -16.20
C LEU A 335 0.03 -7.66 -16.12
N LEU A 336 -0.75 -8.36 -15.29
CA LEU A 336 -2.16 -7.97 -15.01
C LEU A 336 -2.21 -6.56 -14.44
N MET A 337 -1.29 -6.25 -13.53
CA MET A 337 -1.26 -4.92 -12.94
C MET A 337 -0.92 -3.86 -13.99
N LYS A 338 -0.19 -4.25 -15.05
CA LYS A 338 0.13 -3.31 -16.09
C LYS A 338 -1.10 -3.08 -16.97
N ASP A 339 -1.74 -4.18 -17.32
CA ASP A 339 -2.81 -4.21 -18.30
C ASP A 339 -4.19 -3.84 -17.77
N LYS A 340 -4.42 -4.05 -16.48
CA LYS A 340 -5.59 -3.54 -15.76
C LYS A 340 -6.99 -4.01 -16.26
N PRO A 341 -7.24 -5.32 -16.25
CA PRO A 341 -8.55 -5.85 -16.63
C PRO A 341 -9.61 -5.43 -15.62
N LYS A 342 -10.83 -5.24 -16.11
CA LYS A 342 -11.94 -4.62 -15.35
C LYS A 342 -12.30 -5.33 -14.04
N ASP A 343 -12.06 -6.63 -13.99
CA ASP A 343 -12.41 -7.48 -12.85
C ASP A 343 -11.29 -7.68 -11.83
N LEU A 344 -10.15 -7.02 -12.02
CA LEU A 344 -9.04 -7.18 -11.10
C LEU A 344 -9.07 -6.19 -9.93
N ILE A 345 -8.86 -6.69 -8.71
CA ILE A 345 -8.42 -5.85 -7.58
C ILE A 345 -6.97 -6.27 -7.26
N LYS A 346 -6.78 -7.39 -6.56
CA LYS A 346 -5.46 -7.98 -6.36
C LYS A 346 -5.37 -9.45 -6.81
N ALA A 347 -4.17 -9.85 -7.25
CA ALA A 347 -3.85 -11.22 -7.63
C ALA A 347 -2.85 -11.77 -6.63
N VAL A 348 -2.98 -13.05 -6.27
CA VAL A 348 -2.03 -13.70 -5.41
C VAL A 348 -1.55 -14.97 -6.09
N VAL A 349 -0.24 -15.16 -6.06
CA VAL A 349 0.38 -16.37 -6.53
C VAL A 349 0.75 -17.16 -5.30
N ILE A 350 0.12 -18.33 -5.16
CA ILE A 350 0.49 -19.30 -4.12
C ILE A 350 1.52 -20.29 -4.70
N LEU A 351 2.72 -20.30 -4.15
CA LEU A 351 3.79 -21.09 -4.74
C LEU A 351 3.52 -22.58 -4.46
ZN ZN B . 3.01 -1.86 -3.20
CL CL C . 14.07 12.52 10.86
CL CL D . -4.24 0.79 -5.54
C1 EDO E . 20.58 -4.34 13.86
O1 EDO E . 21.41 -4.42 12.70
C2 EDO E . 21.32 -4.96 15.03
O2 EDO E . 22.00 -3.99 15.83
AS CAC F . 3.89 0.91 -1.61
O1 CAC F . 3.54 0.12 -3.11
O2 CAC F . 2.33 1.14 -0.82
C1 CAC F . 5.13 0.05 -0.38
C2 CAC F . 4.43 2.74 -2.10
C1 PGE G . -12.48 29.47 -3.71
O1 PGE G . -11.83 30.72 -3.45
C2 PGE G . -12.87 28.82 -2.40
O2 PGE G . -12.88 27.42 -2.58
C3 PGE G . -12.19 26.67 -1.59
C4 PGE G . -12.18 25.19 -1.96
O4 PGE G . -15.00 23.17 -4.93
C6 PGE G . -14.98 24.39 -4.20
C5 PGE G . -13.55 24.80 -3.87
O3 PGE G . -13.46 24.85 -2.45
#